data_4EBW
#
_entry.id   4EBW
#
_cell.length_a   81.300
_cell.length_b   47.860
_cell.length_c   83.667
_cell.angle_alpha   90.00
_cell.angle_beta   118.39
_cell.angle_gamma   90.00
#
_symmetry.space_group_name_H-M   'C 1 2 1'
#
loop_
_entity.id
_entity.type
_entity.pdbx_description
1 polymer 'Focal adhesion kinase 1'
2 non-polymer '1-ethyl-8-(4-ethylphenyl)-5-methyl-1,5-dihydropyrazolo[4,3-c][2,1]benzothiazine 4,4-dioxide'
3 water water
#
_entity_poly.entity_id   1
_entity_poly.type   'polypeptide(L)'
_entity_poly.pdbx_seq_one_letter_code
;MSYYHHHHHHDYDIPTTENLYFQGAMGSSTRDYEIQRERIELGRCIGEGQFGDVHQGIYMSPENPALAVAIKTCKNCTSD
SVREKFLQEALTMRQFDHPHIVKLIGVITENPVWIIMELCTLGELRSFLQVRKYSLDLASLILYAYQLSTALAYLESKRF
VHRDIAARNVLVSSNDCVKLGDFGLSRYMEDSTYYKASKGKLPIKWMAPESINFRRFTSASDVWMFGVCMWEILMHGVKP
FQGVKNNDVIGRIENGERLPMPPNCPPTLYSLMTKCWAYDPSRRPRFTELKAQLSTILEEEKAQ
;
_entity_poly.pdbx_strand_id   A
#
# COMPACT_ATOMS: atom_id res chain seq x y z
N SER A 29 -24.51 -6.05 3.15
CA SER A 29 -24.65 -7.36 3.87
C SER A 29 -23.45 -8.28 3.69
N THR A 30 -23.25 -9.11 4.70
CA THR A 30 -21.97 -9.77 4.90
C THR A 30 -22.17 -11.29 5.00
N ARG A 31 -23.43 -11.69 4.92
CA ARG A 31 -23.84 -13.07 5.15
C ARG A 31 -23.13 -14.10 4.25
N ASP A 32 -22.70 -13.69 3.05
CA ASP A 32 -22.02 -14.60 2.12
C ASP A 32 -20.55 -14.85 2.46
N TYR A 33 -20.03 -14.14 3.46
CA TYR A 33 -18.64 -14.29 3.90
C TYR A 33 -18.47 -14.14 5.42
N GLU A 34 -19.56 -14.44 6.12
CA GLU A 34 -19.56 -14.53 7.57
C GLU A 34 -18.85 -15.83 7.97
N ILE A 35 -17.94 -15.73 8.93
CA ILE A 35 -17.16 -16.88 9.37
C ILE A 35 -17.54 -17.30 10.78
N GLN A 36 -17.47 -18.60 11.05
CA GLN A 36 -17.78 -19.09 12.38
C GLN A 36 -16.53 -19.03 13.26
N ARG A 37 -16.66 -18.44 14.44
CA ARG A 37 -15.48 -18.10 15.23
C ARG A 37 -14.58 -19.29 15.54
N GLU A 38 -15.20 -20.42 15.87
CA GLU A 38 -14.46 -21.64 16.19
C GLU A 38 -13.59 -22.15 15.04
N ARG A 39 -13.92 -21.75 13.80
CA ARG A 39 -13.08 -22.10 12.66
C ARG A 39 -11.78 -21.30 12.63
N ILE A 40 -11.71 -20.24 13.46
CA ILE A 40 -10.54 -19.39 13.58
C ILE A 40 -9.79 -19.58 14.89
N GLU A 41 -8.50 -19.81 14.76
CA GLU A 41 -7.63 -19.91 15.93
C GLU A 41 -6.72 -18.68 16.00
N LEU A 42 -7.05 -17.78 16.91
CA LEU A 42 -6.32 -16.51 17.06
C LEU A 42 -4.93 -16.76 17.64
N GLY A 43 -3.90 -16.30 16.92
CA GLY A 43 -2.53 -16.47 17.35
C GLY A 43 -1.87 -15.17 17.75
N ARG A 44 -0.56 -15.12 17.58
CA ARG A 44 0.26 -13.98 17.99
C ARG A 44 -0.11 -12.66 17.28
N CYS A 45 0.06 -11.55 18.00
CA CYS A 45 -0.12 -10.20 17.46
C CYS A 45 1.00 -9.89 16.47
N ILE A 46 0.66 -9.38 15.29
CA ILE A 46 1.70 -9.16 14.28
C ILE A 46 1.86 -7.72 13.76
N GLY A 47 0.88 -6.88 14.06
CA GLY A 47 0.91 -5.49 13.63
C GLY A 47 -0.28 -4.69 14.11
N GLU A 48 -0.37 -3.46 13.61
CA GLU A 48 -1.46 -2.55 13.94
C GLU A 48 -2.20 -2.02 12.72
N GLY A 49 -3.52 -1.99 12.84
CA GLY A 49 -4.37 -1.29 11.88
C GLY A 49 -4.89 -0.03 12.54
N GLN A 50 -5.72 0.72 11.83
CA GLN A 50 -6.26 1.97 12.35
C GLN A 50 -7.22 1.77 13.52
N PHE A 51 -7.84 0.59 13.60
CA PHE A 51 -8.85 0.31 14.61
C PHE A 51 -8.38 -0.58 15.77
N GLY A 52 -7.31 -1.34 15.56
CA GLY A 52 -6.76 -2.19 16.63
C GLY A 52 -5.59 -3.05 16.19
N ASP A 53 -5.23 -4.02 17.01
CA ASP A 53 -4.15 -4.93 16.70
C ASP A 53 -4.54 -5.84 15.55
N VAL A 54 -3.52 -6.28 14.82
CA VAL A 54 -3.68 -7.29 13.79
C VAL A 54 -3.02 -8.54 14.34
N HIS A 55 -3.71 -9.68 14.27
CA HIS A 55 -3.16 -10.97 14.71
C HIS A 55 -2.93 -11.95 13.57
N GLN A 56 -2.02 -12.88 13.79
CA GLN A 56 -1.90 -14.01 12.92
C GLN A 56 -2.91 -15.02 13.44
N GLY A 57 -3.38 -15.91 12.57
CA GLY A 57 -4.31 -16.95 13.01
C GLY A 57 -4.27 -18.12 12.06
N ILE A 58 -4.98 -19.19 12.41
CA ILE A 58 -5.16 -20.33 11.52
C ILE A 58 -6.65 -20.51 11.35
N TYR A 59 -7.07 -20.50 10.10
CA TYR A 59 -8.45 -20.62 9.70
C TYR A 59 -8.73 -22.01 9.09
N MET A 60 -9.49 -22.84 9.81
CA MET A 60 -9.89 -24.15 9.31
C MET A 60 -11.13 -23.94 8.45
N SER A 61 -10.98 -24.21 7.16
CA SER A 61 -12.02 -23.96 6.15
C SER A 61 -12.65 -25.22 5.64
N ASN A 64 -11.09 -24.82 2.24
CA ASN A 64 -10.07 -25.89 2.05
C ASN A 64 -9.25 -26.29 3.30
N PRO A 65 -8.07 -25.67 3.57
CA PRO A 65 -7.11 -26.41 4.42
C PRO A 65 -7.22 -26.31 5.95
N ALA A 66 -6.68 -25.21 6.46
CA ALA A 66 -6.30 -24.94 7.85
C ALA A 66 -5.20 -23.91 7.57
N LEU A 67 -5.68 -22.73 7.18
CA LEU A 67 -4.93 -21.74 6.43
C LEU A 67 -4.53 -20.53 7.29
N ALA A 68 -3.26 -20.13 7.14
CA ALA A 68 -2.70 -18.97 7.85
C ALA A 68 -3.38 -17.68 7.38
N VAL A 69 -3.87 -16.89 8.34
CA VAL A 69 -4.60 -15.67 8.03
C VAL A 69 -4.15 -14.50 8.89
N ALA A 70 -4.56 -13.29 8.48
CA ALA A 70 -4.35 -12.07 9.26
C ALA A 70 -5.70 -11.60 9.78
N ILE A 71 -5.76 -11.28 11.05
CA ILE A 71 -7.02 -10.91 11.65
C ILE A 71 -6.97 -9.48 12.16
N LYS A 72 -7.78 -8.62 11.56
CA LYS A 72 -7.94 -7.26 12.04
C LYS A 72 -8.87 -7.26 13.27
N THR A 73 -8.43 -6.64 14.36
CA THR A 73 -9.28 -6.55 15.54
C THR A 73 -9.63 -5.09 15.79
N CYS A 74 -10.52 -4.86 16.74
CA CYS A 74 -10.99 -3.51 16.99
C CYS A 74 -11.02 -3.20 18.49
N LYS A 75 -10.17 -2.26 18.93
CA LYS A 75 -10.10 -1.86 20.35
C LYS A 75 -11.45 -1.43 20.92
N ASN A 76 -11.96 -0.29 20.48
CA ASN A 76 -13.18 0.29 21.08
C ASN A 76 -14.47 0.09 20.29
N CYS A 77 -14.61 -1.06 19.64
CA CYS A 77 -15.83 -1.40 18.87
C CYS A 77 -17.03 -1.64 19.80
N THR A 78 -16.90 -1.12 21.01
CA THR A 78 -17.94 -1.14 22.01
C THR A 78 -18.87 0.10 21.87
N SER A 79 -18.41 1.09 21.09
CA SER A 79 -19.28 2.18 20.62
C SER A 79 -19.73 1.86 19.18
N ASP A 80 -20.96 2.26 18.85
CA ASP A 80 -21.55 1.87 17.56
C ASP A 80 -20.91 2.47 16.32
N SER A 81 -20.50 3.73 16.42
CA SER A 81 -19.92 4.47 15.29
C SER A 81 -18.56 3.95 14.84
N VAL A 82 -17.77 3.45 15.80
CA VAL A 82 -16.45 2.87 15.54
C VAL A 82 -16.63 1.51 14.85
N ARG A 83 -17.61 0.75 15.34
CA ARG A 83 -18.00 -0.52 14.73
C ARG A 83 -18.42 -0.34 13.25
N GLU A 84 -19.26 0.64 12.96
CA GLU A 84 -19.70 0.91 11.59
C GLU A 84 -18.51 1.18 10.66
N LYS A 85 -17.55 1.96 11.15
CA LYS A 85 -16.40 2.32 10.34
C LYS A 85 -15.37 1.23 10.23
N PHE A 86 -15.18 0.45 11.30
CA PHE A 86 -14.34 -0.76 11.22
C PHE A 86 -14.87 -1.76 10.18
N LEU A 87 -16.17 -2.07 10.26
CA LEU A 87 -16.80 -3.00 9.32
C LEU A 87 -16.87 -2.48 7.89
N GLN A 88 -16.88 -1.16 7.73
CA GLN A 88 -16.80 -0.54 6.42
C GLN A 88 -15.48 -0.89 5.73
N GLU A 89 -14.39 -0.98 6.48
CA GLU A 89 -13.11 -1.42 5.91
C GLU A 89 -13.22 -2.78 5.21
N ALA A 90 -14.04 -3.67 5.77
CA ALA A 90 -14.27 -5.00 5.20
C ALA A 90 -15.16 -4.96 3.96
N LEU A 91 -16.21 -4.13 4.02
CA LEU A 91 -17.17 -4.01 2.92
C LEU A 91 -16.49 -3.45 1.68
N THR A 92 -15.51 -2.59 1.92
CA THR A 92 -14.70 -1.99 0.88
C THR A 92 -13.75 -3.01 0.26
N MET A 93 -12.91 -3.62 1.09
CA MET A 93 -11.99 -4.68 0.64
C MET A 93 -12.72 -5.79 -0.17
N ARG A 94 -13.96 -6.09 0.22
CA ARG A 94 -14.76 -7.15 -0.40
C ARG A 94 -14.98 -6.93 -1.89
N GLN A 95 -15.04 -5.66 -2.30
CA GLN A 95 -15.39 -5.33 -3.66
C GLN A 95 -14.27 -5.50 -4.70
N PHE A 96 -13.05 -5.71 -4.23
CA PHE A 96 -11.90 -5.86 -5.12
C PHE A 96 -11.29 -7.26 -5.15
N ASP A 97 -10.83 -7.67 -6.33
CA ASP A 97 -10.18 -8.94 -6.50
C ASP A 97 -8.98 -8.77 -7.41
N HIS A 98 -7.79 -8.71 -6.81
CA HIS A 98 -6.56 -8.44 -7.56
C HIS A 98 -5.36 -9.12 -6.91
N PRO A 99 -4.50 -9.74 -7.74
CA PRO A 99 -3.22 -10.36 -7.31
C PRO A 99 -2.37 -9.52 -6.36
N HIS A 100 -2.54 -8.20 -6.38
CA HIS A 100 -1.68 -7.32 -5.58
C HIS A 100 -2.41 -6.35 -4.67
N ILE A 101 -3.62 -6.74 -4.25
CA ILE A 101 -4.32 -6.06 -3.17
C ILE A 101 -4.69 -7.18 -2.24
N VAL A 102 -4.43 -6.97 -0.94
CA VAL A 102 -4.74 -7.93 0.13
C VAL A 102 -6.20 -8.41 0.05
N LYS A 103 -6.38 -9.73 -0.03
CA LYS A 103 -7.72 -10.31 -0.11
C LYS A 103 -8.42 -10.39 1.24
N LEU A 104 -9.73 -10.16 1.19
CA LEU A 104 -10.63 -10.42 2.29
C LEU A 104 -11.05 -11.88 2.19
N ILE A 105 -10.93 -12.60 3.31
CA ILE A 105 -11.35 -13.98 3.37
C ILE A 105 -12.74 -14.04 4.00
N GLY A 106 -12.97 -13.18 5.00
CA GLY A 106 -14.22 -13.17 5.74
C GLY A 106 -14.28 -12.15 6.87
N VAL A 107 -15.42 -12.15 7.56
CA VAL A 107 -15.70 -11.35 8.73
C VAL A 107 -16.49 -12.16 9.74
N ILE A 108 -16.37 -11.72 10.99
CA ILE A 108 -17.24 -12.16 12.07
C ILE A 108 -17.85 -10.87 12.61
N THR A 109 -19.17 -10.74 12.45
CA THR A 109 -19.84 -9.49 12.81
C THR A 109 -20.49 -9.45 14.20
N GLU A 110 -20.43 -10.55 14.97
CA GLU A 110 -20.77 -10.51 16.39
C GLU A 110 -19.56 -10.01 17.17
N ASN A 111 -19.79 -9.32 18.28
CA ASN A 111 -18.68 -8.90 19.13
C ASN A 111 -17.95 -10.09 19.74
N PRO A 112 -16.60 -10.05 19.80
CA PRO A 112 -15.73 -9.01 19.23
C PRO A 112 -15.55 -9.19 17.73
N VAL A 113 -15.66 -8.08 17.02
CA VAL A 113 -15.67 -8.10 15.57
C VAL A 113 -14.25 -8.35 15.03
N TRP A 114 -14.13 -9.23 14.04
CA TRP A 114 -12.86 -9.55 13.39
C TRP A 114 -12.99 -9.46 11.87
N ILE A 115 -11.91 -9.05 11.19
CA ILE A 115 -11.82 -9.12 9.74
C ILE A 115 -10.65 -10.04 9.39
N ILE A 116 -10.97 -11.10 8.63
CA ILE A 116 -10.04 -12.16 8.27
C ILE A 116 -9.49 -11.91 6.87
N MET A 117 -8.21 -11.60 6.80
CA MET A 117 -7.55 -11.30 5.54
C MET A 117 -6.49 -12.34 5.24
N GLU A 118 -6.08 -12.41 3.98
CA GLU A 118 -4.96 -13.27 3.64
C GLU A 118 -3.76 -12.74 4.38
N LEU A 119 -2.85 -13.63 4.73
CA LEU A 119 -1.63 -13.30 5.47
C LEU A 119 -0.49 -13.03 4.52
N CYS A 120 0.12 -11.86 4.64
CA CYS A 120 1.35 -11.58 3.93
C CYS A 120 2.51 -11.96 4.85
N THR A 121 2.99 -13.18 4.64
CA THR A 121 3.99 -13.82 5.48
C THR A 121 5.22 -12.95 5.74
N LEU A 122 5.81 -12.37 4.68
CA LEU A 122 7.09 -11.69 4.80
C LEU A 122 7.00 -10.24 5.32
N GLY A 123 5.80 -9.81 5.72
CA GLY A 123 5.62 -8.54 6.43
C GLY A 123 5.66 -7.30 5.57
N GLU A 124 6.09 -6.20 6.16
CA GLU A 124 6.11 -4.87 5.50
C GLU A 124 7.21 -4.74 4.50
N LEU A 125 6.89 -4.06 3.38
CA LEU A 125 7.87 -3.87 2.31
C LEU A 125 9.05 -3.04 2.79
N ARG A 126 8.77 -1.94 3.47
CA ARG A 126 9.82 -1.08 3.98
C ARG A 126 10.89 -1.88 4.71
N SER A 127 10.52 -2.60 5.78
CA SER A 127 11.50 -3.37 6.56
C SER A 127 12.11 -4.50 5.73
N PHE A 128 11.30 -5.12 4.87
CA PHE A 128 11.74 -6.18 3.97
C PHE A 128 12.92 -5.72 3.11
N LEU A 129 12.76 -4.53 2.51
CA LEU A 129 13.80 -3.98 1.65
C LEU A 129 15.06 -3.65 2.41
N GLN A 130 14.91 -3.28 3.69
CA GLN A 130 16.04 -2.87 4.49
C GLN A 130 16.85 -4.08 4.88
N VAL A 131 16.17 -5.11 5.40
CA VAL A 131 16.87 -6.32 5.82
C VAL A 131 17.47 -7.06 4.61
N ARG A 132 16.81 -6.96 3.46
CA ARG A 132 17.28 -7.61 2.23
C ARG A 132 18.03 -6.68 1.25
N LYS A 133 18.56 -5.57 1.76
CA LYS A 133 19.28 -4.61 0.93
C LYS A 133 20.34 -5.26 0.04
N TYR A 134 21.07 -6.24 0.56
CA TYR A 134 22.13 -6.89 -0.20
C TYR A 134 21.71 -8.23 -0.83
N SER A 135 20.41 -8.47 -0.98
CA SER A 135 20.01 -9.77 -1.51
C SER A 135 18.78 -9.71 -2.44
N LEU A 136 18.38 -8.49 -2.79
CA LEU A 136 17.34 -8.28 -3.78
C LEU A 136 17.93 -7.57 -5.01
N ASP A 137 17.84 -8.19 -6.18
CA ASP A 137 18.34 -7.52 -7.37
C ASP A 137 17.43 -6.41 -7.90
N LEU A 138 17.98 -5.58 -8.78
CA LEU A 138 17.25 -4.49 -9.40
C LEU A 138 15.92 -4.97 -10.00
N ALA A 139 15.96 -6.04 -10.81
CA ALA A 139 14.74 -6.64 -11.38
C ALA A 139 13.61 -6.88 -10.37
N SER A 140 13.96 -7.26 -9.14
CA SER A 140 12.94 -7.48 -8.11
C SER A 140 12.33 -6.15 -7.67
N LEU A 141 13.19 -5.16 -7.45
CA LEU A 141 12.74 -3.84 -7.04
C LEU A 141 11.79 -3.24 -8.08
N ILE A 142 12.15 -3.41 -9.36
CA ILE A 142 11.27 -2.94 -10.46
C ILE A 142 9.97 -3.73 -10.48
N LEU A 143 10.08 -5.06 -10.37
CA LEU A 143 8.89 -5.92 -10.33
C LEU A 143 7.90 -5.39 -9.33
N TYR A 144 8.38 -5.02 -8.14
CA TYR A 144 7.50 -4.53 -7.07
C TYR A 144 6.76 -3.27 -7.53
N ALA A 145 7.50 -2.34 -8.13
CA ALA A 145 6.93 -1.09 -8.57
C ALA A 145 5.88 -1.38 -9.64
N TYR A 146 6.26 -2.15 -10.65
CA TYR A 146 5.30 -2.60 -11.66
C TYR A 146 4.07 -3.24 -11.01
N GLN A 147 4.29 -4.24 -10.16
CA GLN A 147 3.19 -4.91 -9.47
C GLN A 147 2.17 -3.93 -8.86
N LEU A 148 2.65 -3.01 -8.02
CA LEU A 148 1.78 -1.97 -7.44
C LEU A 148 1.04 -1.13 -8.47
N SER A 149 1.69 -0.80 -9.58
CA SER A 149 1.02 -0.03 -10.63
C SER A 149 -0.12 -0.79 -11.33
N THR A 150 -0.03 -2.11 -11.40
CA THR A 150 -1.13 -2.88 -11.98
C THR A 150 -2.37 -2.76 -11.08
N ALA A 151 -2.14 -2.84 -9.75
CA ALA A 151 -3.18 -2.68 -8.76
C ALA A 151 -3.77 -1.27 -8.76
N LEU A 152 -2.91 -0.26 -8.79
CA LEU A 152 -3.42 1.10 -8.77
C LEU A 152 -4.26 1.41 -10.01
N ALA A 153 -3.85 0.85 -11.15
CA ALA A 153 -4.59 0.97 -12.39
C ALA A 153 -5.97 0.29 -12.30
N TYR A 154 -6.00 -0.89 -11.71
CA TYR A 154 -7.26 -1.58 -11.42
C TYR A 154 -8.20 -0.69 -10.59
N LEU A 155 -7.68 -0.08 -9.53
CA LEU A 155 -8.47 0.72 -8.61
C LEU A 155 -9.04 1.96 -9.29
N GLU A 156 -8.25 2.50 -10.21
CA GLU A 156 -8.63 3.64 -11.01
C GLU A 156 -9.76 3.25 -11.97
N SER A 157 -9.69 2.03 -12.51
CA SER A 157 -10.68 1.53 -13.48
C SER A 157 -11.98 1.21 -12.75
N LYS A 158 -11.86 0.81 -11.48
CA LYS A 158 -13.03 0.56 -10.65
C LYS A 158 -13.52 1.87 -10.04
N ARG A 159 -12.79 2.96 -10.35
CA ARG A 159 -13.12 4.31 -9.92
C ARG A 159 -13.18 4.46 -8.39
N PHE A 160 -12.28 3.76 -7.72
CA PHE A 160 -12.21 3.80 -6.26
C PHE A 160 -11.44 5.04 -5.80
N VAL A 161 -11.97 5.72 -4.78
CA VAL A 161 -11.26 6.81 -4.14
C VAL A 161 -10.85 6.33 -2.78
N HIS A 162 -9.55 6.12 -2.58
CA HIS A 162 -9.07 5.74 -1.28
C HIS A 162 -8.82 6.99 -0.44
N ARG A 163 -9.69 7.18 0.55
CA ARG A 163 -9.66 8.44 1.30
C ARG A 163 -8.79 8.42 2.56
N ASP A 164 -8.37 7.24 3.00
CA ASP A 164 -7.56 7.14 4.22
C ASP A 164 -6.05 7.01 3.93
N ILE A 165 -5.44 8.13 3.56
CA ILE A 165 -4.04 8.14 3.09
C ILE A 165 -3.00 7.66 4.12
N ALA A 166 -3.23 7.98 5.40
CA ALA A 166 -2.38 7.55 6.52
C ALA A 166 -2.25 6.03 6.65
N ALA A 167 -3.30 5.29 6.29
CA ALA A 167 -3.30 3.83 6.40
C ALA A 167 -2.63 3.11 5.22
N ARG A 168 -2.44 3.83 4.12
CA ARG A 168 -1.83 3.24 2.93
C ARG A 168 -0.50 2.60 3.32
N ASN A 169 -0.34 1.33 2.96
CA ASN A 169 0.88 0.56 3.19
C ASN A 169 1.08 -0.56 2.13
N VAL A 170 2.29 -1.13 2.06
CA VAL A 170 2.56 -2.21 1.11
C VAL A 170 3.07 -3.44 1.85
N LEU A 171 2.55 -4.61 1.49
CA LEU A 171 2.96 -5.81 2.21
C LEU A 171 3.55 -6.80 1.23
N VAL A 172 4.34 -7.73 1.78
CA VAL A 172 5.04 -8.70 0.94
C VAL A 172 4.48 -10.08 1.19
N SER A 173 3.87 -10.67 0.17
CA SER A 173 3.33 -12.01 0.36
C SER A 173 4.34 -13.08 -0.05
N SER A 174 5.33 -12.67 -0.85
CA SER A 174 6.49 -13.50 -1.17
C SER A 174 7.58 -12.66 -1.83
N ASN A 175 8.72 -13.31 -2.08
CA ASN A 175 9.90 -12.74 -2.75
C ASN A 175 9.59 -12.02 -4.05
N ASP A 176 8.50 -12.44 -4.70
CA ASP A 176 8.12 -11.91 -5.99
C ASP A 176 6.64 -11.49 -6.03
N CYS A 177 6.11 -11.08 -4.88
CA CYS A 177 4.73 -10.64 -4.83
C CYS A 177 4.52 -9.67 -3.67
N VAL A 178 4.18 -8.43 -4.00
CA VAL A 178 3.84 -7.38 -3.04
C VAL A 178 2.37 -7.03 -3.22
N LYS A 179 1.74 -6.50 -2.16
CA LYS A 179 0.30 -6.19 -2.19
C LYS A 179 -0.05 -4.90 -1.47
N LEU A 180 -1.05 -4.19 -1.98
CA LEU A 180 -1.57 -3.02 -1.26
C LEU A 180 -2.42 -3.44 -0.03
N GLY A 181 -2.31 -2.68 1.06
CA GLY A 181 -3.08 -2.93 2.28
C GLY A 181 -3.20 -1.65 3.12
N ASP A 182 -4.10 -1.66 4.10
CA ASP A 182 -4.35 -0.52 4.99
C ASP A 182 -4.06 -0.83 6.46
N PHE A 183 -3.01 -1.60 6.69
CA PHE A 183 -2.60 -2.03 8.03
C PHE A 183 -1.10 -2.32 8.00
N GLY A 184 -0.47 -2.32 9.18
CA GLY A 184 0.98 -2.55 9.32
C GLY A 184 1.30 -3.94 9.85
N LEU A 185 2.50 -4.45 9.55
CA LEU A 185 2.93 -5.79 9.98
C LEU A 185 4.19 -5.82 10.85
N LYS A 201 -2.73 12.81 11.93
CA LYS A 201 -1.36 12.59 11.34
C LYS A 201 -1.38 12.17 9.87
N LEU A 202 -1.02 13.12 9.00
CA LEU A 202 -0.97 12.95 7.54
C LEU A 202 0.47 12.79 7.00
N PRO A 203 0.65 11.94 5.96
CA PRO A 203 1.97 11.75 5.36
C PRO A 203 2.38 12.92 4.48
N ILE A 204 2.72 14.05 5.12
CA ILE A 204 3.07 15.29 4.42
C ILE A 204 4.16 15.06 3.37
N LYS A 205 5.13 14.22 3.73
CA LYS A 205 6.30 13.99 2.91
C LYS A 205 6.02 13.22 1.62
N TRP A 206 4.93 12.43 1.61
CA TRP A 206 4.52 11.63 0.45
C TRP A 206 3.44 12.30 -0.41
N MET A 207 2.98 13.47 0.02
CA MET A 207 1.82 14.11 -0.60
C MET A 207 2.12 15.14 -1.67
N ALA A 208 1.22 15.18 -2.66
CA ALA A 208 1.23 16.16 -3.71
C ALA A 208 1.04 17.51 -3.06
N PRO A 209 1.59 18.57 -3.69
CA PRO A 209 1.48 19.91 -3.10
C PRO A 209 0.03 20.43 -3.00
N GLU A 210 -0.81 20.04 -3.95
CA GLU A 210 -2.23 20.45 -3.94
C GLU A 210 -3.02 19.79 -2.82
N SER A 211 -2.58 18.59 -2.42
CA SER A 211 -3.16 17.89 -1.30
C SER A 211 -2.82 18.67 -0.05
N ILE A 212 -1.59 19.18 -0.02
CA ILE A 212 -1.08 19.93 1.12
C ILE A 212 -1.74 21.31 1.26
N ASN A 213 -1.89 22.05 0.16
CA ASN A 213 -2.41 23.44 0.24
C ASN A 213 -3.93 23.58 0.19
N PHE A 214 -4.60 22.72 -0.56
CA PHE A 214 -6.03 22.84 -0.76
C PHE A 214 -6.80 21.59 -0.37
N ARG A 215 -6.11 20.62 0.21
CA ARG A 215 -6.70 19.31 0.51
C ARG A 215 -7.40 18.76 -0.73
N ARG A 216 -6.78 18.94 -1.89
CA ARG A 216 -7.29 18.30 -3.10
C ARG A 216 -6.67 16.92 -3.26
N PHE A 217 -7.54 15.93 -3.39
CA PHE A 217 -7.15 14.55 -3.53
C PHE A 217 -7.79 13.94 -4.77
N THR A 218 -6.96 13.62 -5.74
CA THR A 218 -7.41 13.06 -7.00
C THR A 218 -6.51 11.90 -7.44
N SER A 219 -6.92 11.24 -8.52
CA SER A 219 -6.11 10.25 -9.20
C SER A 219 -4.68 10.78 -9.38
N ALA A 220 -4.55 12.08 -9.59
CA ALA A 220 -3.24 12.71 -9.82
C ALA A 220 -2.41 12.80 -8.54
N SER A 221 -3.01 13.22 -7.43
CA SER A 221 -2.32 13.22 -6.13
C SER A 221 -1.82 11.81 -5.74
N ASP A 222 -2.62 10.79 -6.09
CA ASP A 222 -2.22 9.40 -5.89
C ASP A 222 -0.97 9.09 -6.67
N VAL A 223 -0.96 9.45 -7.95
CA VAL A 223 0.21 9.29 -8.82
C VAL A 223 1.43 9.95 -8.17
N TRP A 224 1.30 11.18 -7.69
CA TRP A 224 2.41 11.82 -6.97
C TRP A 224 2.97 10.92 -5.86
N MET A 225 2.07 10.42 -5.00
CA MET A 225 2.45 9.53 -3.90
C MET A 225 3.09 8.23 -4.40
N PHE A 226 2.53 7.64 -5.46
CA PHE A 226 3.12 6.45 -6.07
C PHE A 226 4.56 6.68 -6.47
N GLY A 227 4.80 7.88 -7.03
CA GLY A 227 6.13 8.33 -7.38
C GLY A 227 7.05 8.23 -6.19
N VAL A 228 6.60 8.71 -5.03
CA VAL A 228 7.43 8.67 -3.82
C VAL A 228 7.63 7.21 -3.39
N CYS A 229 6.55 6.44 -3.45
CA CYS A 229 6.62 5.03 -3.10
C CYS A 229 7.61 4.27 -3.98
N MET A 230 7.66 4.62 -5.28
CA MET A 230 8.66 4.02 -6.19
C MET A 230 10.09 4.36 -5.79
N TRP A 231 10.32 5.65 -5.52
CA TRP A 231 11.61 6.13 -5.06
C TRP A 231 11.99 5.34 -3.82
N GLU A 232 11.05 5.25 -2.88
CA GLU A 232 11.28 4.56 -1.63
C GLU A 232 11.75 3.13 -1.87
N ILE A 233 11.10 2.45 -2.82
CA ILE A 233 11.46 1.08 -3.14
C ILE A 233 12.90 0.99 -3.64
N LEU A 234 13.29 1.83 -4.60
CA LEU A 234 14.65 1.79 -5.17
C LEU A 234 15.74 2.26 -4.18
N MET A 235 15.34 3.03 -3.18
CA MET A 235 16.23 3.48 -2.10
C MET A 235 16.29 2.45 -0.97
N HIS A 236 15.83 1.23 -1.25
CA HIS A 236 15.81 0.13 -0.27
C HIS A 236 15.03 0.44 1.01
N GLY A 237 13.90 1.14 0.83
CA GLY A 237 12.98 1.40 1.92
C GLY A 237 13.38 2.53 2.84
N VAL A 238 14.24 3.42 2.34
CA VAL A 238 14.56 4.66 3.03
C VAL A 238 13.36 5.60 2.90
N LYS A 239 12.97 6.26 3.98
CA LYS A 239 11.85 7.21 3.93
C LYS A 239 12.26 8.48 3.19
N PRO A 240 11.27 9.23 2.65
CA PRO A 240 11.63 10.47 1.98
C PRO A 240 11.99 11.61 2.98
N PHE A 241 12.73 12.61 2.49
CA PHE A 241 13.10 13.79 3.27
C PHE A 241 13.55 13.48 4.69
N GLN A 242 14.58 12.66 4.84
CA GLN A 242 15.13 12.37 6.15
C GLN A 242 15.76 13.63 6.73
N GLY A 243 15.46 13.91 8.00
CA GLY A 243 16.00 15.08 8.71
C GLY A 243 15.25 16.39 8.44
N VAL A 244 14.49 16.42 7.35
CA VAL A 244 13.78 17.62 6.92
C VAL A 244 12.43 17.75 7.65
N LYS A 245 12.15 18.95 8.15
CA LYS A 245 10.88 19.20 8.83
C LYS A 245 9.75 19.25 7.81
N ASN A 246 8.59 18.75 8.22
CA ASN A 246 7.39 18.67 7.38
C ASN A 246 7.00 20.00 6.73
N ASN A 247 7.02 21.06 7.52
CA ASN A 247 6.61 22.40 7.05
C ASN A 247 7.59 23.02 6.06
N ASP A 248 8.85 22.61 6.14
CA ASP A 248 9.88 23.06 5.19
C ASP A 248 9.86 22.20 3.91
N VAL A 249 9.00 21.17 3.90
CA VAL A 249 8.85 20.30 2.73
C VAL A 249 8.20 21.08 1.58
N ILE A 250 7.01 21.61 1.84
CA ILE A 250 6.24 22.30 0.78
C ILE A 250 7.04 23.41 0.08
N GLY A 251 7.85 24.14 0.85
CA GLY A 251 8.70 25.19 0.31
C GLY A 251 9.75 24.69 -0.66
N ARG A 252 10.38 23.57 -0.33
CA ARG A 252 11.40 22.96 -1.18
C ARG A 252 10.84 22.44 -2.50
N ILE A 253 9.59 21.99 -2.47
CA ILE A 253 8.91 21.45 -3.65
C ILE A 253 8.59 22.56 -4.64
N GLU A 254 8.13 23.69 -4.11
CA GLU A 254 7.81 24.88 -4.90
C GLU A 254 9.08 25.49 -5.49
N ASN A 255 10.21 25.22 -4.84
CA ASN A 255 11.54 25.65 -5.31
C ASN A 255 12.13 24.75 -6.39
N GLY A 256 11.37 23.73 -6.81
CA GLY A 256 11.78 22.85 -7.91
C GLY A 256 12.55 21.62 -7.48
N GLU A 257 12.86 21.53 -6.19
CA GLU A 257 13.59 20.39 -5.64
C GLU A 257 12.79 19.10 -5.65
N ARG A 258 13.49 18.01 -5.94
CA ARG A 258 12.89 16.69 -6.01
C ARG A 258 13.82 15.72 -5.29
N LEU A 259 13.30 14.53 -4.94
CA LEU A 259 14.15 13.49 -4.37
C LEU A 259 15.11 13.03 -5.48
N PRO A 260 16.43 12.91 -5.16
CA PRO A 260 17.46 12.65 -6.16
C PRO A 260 17.34 11.25 -6.77
N MET A 261 18.08 10.99 -7.85
CA MET A 261 18.09 9.66 -8.46
C MET A 261 18.74 8.68 -7.49
N PRO A 262 18.01 7.59 -7.17
CA PRO A 262 18.57 6.56 -6.29
C PRO A 262 19.81 5.86 -6.90
N PRO A 263 20.81 5.53 -6.06
CA PRO A 263 21.95 4.77 -6.52
C PRO A 263 21.48 3.52 -7.28
N ASN A 264 22.09 3.30 -8.44
CA ASN A 264 21.76 2.18 -9.32
C ASN A 264 20.34 2.23 -9.97
N CYS A 265 19.57 3.29 -9.72
CA CYS A 265 18.26 3.44 -10.40
C CYS A 265 18.47 3.81 -11.87
N PRO A 266 17.82 3.06 -12.78
CA PRO A 266 17.90 3.33 -14.21
C PRO A 266 17.32 4.70 -14.60
N PRO A 267 18.06 5.47 -15.40
CA PRO A 267 17.60 6.80 -15.82
C PRO A 267 16.18 6.77 -16.42
N THR A 268 15.83 5.68 -17.10
CA THR A 268 14.47 5.51 -17.65
C THR A 268 13.39 5.56 -16.56
N LEU A 269 13.65 4.83 -15.47
CA LEU A 269 12.73 4.78 -14.34
C LEU A 269 12.75 6.07 -13.51
N TYR A 270 13.91 6.69 -13.33
CA TYR A 270 13.92 7.96 -12.62
C TYR A 270 13.13 9.02 -13.40
N SER A 271 13.19 8.95 -14.73
CA SER A 271 12.43 9.86 -15.58
C SER A 271 10.94 9.68 -15.35
N LEU A 272 10.52 8.43 -15.19
CA LEU A 272 9.15 8.10 -14.85
C LEU A 272 8.76 8.75 -13.52
N MET A 273 9.61 8.59 -12.51
CA MET A 273 9.41 9.19 -11.18
C MET A 273 9.18 10.69 -11.28
N THR A 274 10.11 11.42 -11.91
CA THR A 274 10.05 12.88 -11.94
C THR A 274 8.81 13.40 -12.67
N LYS A 275 8.29 12.59 -13.59
CA LYS A 275 7.02 12.87 -14.27
C LYS A 275 5.85 12.70 -13.32
N CYS A 276 6.02 11.81 -12.33
CA CYS A 276 5.02 11.64 -11.29
C CYS A 276 4.97 12.88 -10.38
N TRP A 277 6.08 13.63 -10.35
CA TRP A 277 6.22 14.81 -9.48
C TRP A 277 6.13 16.17 -10.16
N ALA A 278 5.46 16.22 -11.30
CA ALA A 278 5.20 17.50 -11.95
C ALA A 278 4.26 18.29 -11.05
N TYR A 279 4.50 19.59 -10.91
CA TYR A 279 3.69 20.44 -10.03
C TYR A 279 2.25 20.50 -10.52
N ASP A 280 2.06 20.91 -11.77
CA ASP A 280 0.74 20.97 -12.36
C ASP A 280 0.23 19.54 -12.50
N PRO A 281 -0.72 19.14 -11.64
CA PRO A 281 -1.23 17.76 -11.56
C PRO A 281 -1.80 17.19 -12.87
N SER A 282 -2.08 18.07 -13.84
CA SER A 282 -2.53 17.66 -15.18
C SER A 282 -1.36 17.25 -16.10
N ARG A 283 -0.13 17.46 -15.62
CA ARG A 283 1.08 17.05 -16.37
C ARG A 283 1.49 15.61 -16.01
N ARG A 284 1.09 15.15 -14.83
CA ARG A 284 1.42 13.80 -14.34
C ARG A 284 0.77 12.71 -15.19
N PRO A 285 1.47 11.57 -15.36
CA PRO A 285 0.93 10.43 -16.13
C PRO A 285 -0.17 9.67 -15.40
N ARG A 286 -1.03 8.97 -16.13
CA ARG A 286 -2.06 8.12 -15.54
C ARG A 286 -1.39 6.85 -15.05
N PHE A 287 -2.05 6.14 -14.15
CA PHE A 287 -1.54 4.86 -13.66
C PHE A 287 -1.45 3.85 -14.79
N THR A 288 -2.36 3.97 -15.75
CA THR A 288 -2.40 3.09 -16.91
C THR A 288 -1.19 3.39 -17.82
N GLU A 289 -0.74 4.64 -17.75
CA GLU A 289 0.46 5.13 -18.41
C GLU A 289 1.68 4.50 -17.73
N LEU A 290 1.66 4.46 -16.41
CA LEU A 290 2.76 3.92 -15.61
C LEU A 290 2.91 2.41 -15.72
N LYS A 291 1.80 1.68 -15.62
CA LYS A 291 1.76 0.23 -15.79
C LYS A 291 2.54 -0.20 -17.04
N ALA A 292 2.28 0.50 -18.14
CA ALA A 292 2.91 0.20 -19.44
C ALA A 292 4.37 0.61 -19.48
N GLN A 293 4.65 1.84 -19.04
CA GLN A 293 6.02 2.35 -19.00
C GLN A 293 6.95 1.52 -18.10
N LEU A 294 6.42 1.03 -16.99
CA LEU A 294 7.16 0.15 -16.08
C LEU A 294 7.39 -1.23 -16.71
N SER A 295 6.37 -1.74 -17.40
CA SER A 295 6.41 -3.06 -18.05
C SER A 295 7.60 -3.27 -19.00
N THR A 296 7.98 -2.23 -19.74
CA THR A 296 9.10 -2.36 -20.67
C THR A 296 10.44 -2.06 -19.99
N ILE A 297 10.39 -1.35 -18.87
CA ILE A 297 11.59 -1.07 -18.08
C ILE A 297 12.06 -2.35 -17.39
N LEU A 298 11.10 -3.10 -16.85
CA LEU A 298 11.34 -4.42 -16.25
C LEU A 298 11.92 -5.38 -17.27
N GLU A 299 11.43 -5.31 -18.50
CA GLU A 299 11.92 -6.17 -19.57
C GLU A 299 13.36 -5.84 -19.95
N GLU A 300 13.70 -4.55 -19.94
CA GLU A 300 15.06 -4.11 -20.23
C GLU A 300 16.07 -4.66 -19.21
N GLU A 301 15.68 -4.66 -17.93
CA GLU A 301 16.53 -5.16 -16.87
C GLU A 301 16.68 -6.70 -16.88
N LYS A 302 15.56 -7.41 -16.91
CA LYS A 302 15.55 -8.87 -16.94
C LYS A 302 16.32 -9.42 -18.14
N ALA A 303 16.39 -8.63 -19.22
CA ALA A 303 17.16 -8.98 -20.41
C ALA A 303 18.68 -8.89 -20.16
N GLN A 304 19.07 -8.10 -19.15
CA GLN A 304 20.48 -7.99 -18.76
C GLN A 304 20.81 -9.03 -17.69
#